data_4G2T
#
_entry.id   4G2T
#
_cell.length_a   81.141
_cell.length_b   81.141
_cell.length_c   229.906
_cell.angle_alpha   90.000
_cell.angle_beta   90.000
_cell.angle_gamma   120.000
#
_symmetry.space_group_name_H-M   'P 61 2 2'
#
loop_
_entity.id
_entity.type
_entity.pdbx_description
1 polymer SsfS6
2 non-polymer "THYMIDINE-5'-DIPHOSPHATE"
3 water water
#
_entity_poly.entity_id   1
_entity_poly.type   'polypeptide(L)'
_entity_poly.pdbx_seq_one_letter_code
;HHHHHSSGVPRGSH(MSE)RILVIAGCSEGFV(MSE)PLVPLSWALRAAGHEVLVAASEN(MSE)GPTVTGAGLPFAPTC
PSLD(MSE)PEVLSWDREGNRTT(MSE)PREEKPLLEHIGRGYGRLVLR(MSE)RDEALALAERWKPDLVLTETYSLTGP
LVAATLGIPWIEQSIRLASPELIKSAGVGELAPELAELGLTDFPDPLLSIDVCPPS(MSE)EAQPKPGTTK(MSE)RYVP
YNGRNDQVPSWVFEERKQPRLCLTFGTRVPLPNTNTIPGGLSLLQALSQELPKLGFEVVVAVSDKLAQTLQPLPEGVLAA
GQFPLSAI(MSE)PACDVVVHHGGHGTTLTCLSEGVPQVSVPVIAEVWDSARLLHAAGAGVEVPWEQAGVESVLAACARI
RDDSSYVGNARRLAAE(MSE)ATLPTPADIVRLIEQA
;
_entity_poly.pdbx_strand_id   A
#
loop_
_chem_comp.id
_chem_comp.type
_chem_comp.name
_chem_comp.formula
TYD non-polymer THYMIDINE-5'-DIPHOSPHATE 'C10 H16 N2 O11 P2'
#
# COMPACT_ATOMS: atom_id res chain seq x y z
N HIS A 14 21.65 -18.18 4.01
CA HIS A 14 21.94 -16.78 4.32
C HIS A 14 22.04 -15.95 3.05
N MSE A 15 21.09 -15.05 2.87
CA MSE A 15 21.01 -14.24 1.66
C MSE A 15 21.12 -12.74 1.91
O MSE A 15 20.89 -12.27 3.02
CB MSE A 15 19.70 -14.52 0.93
CG MSE A 15 19.64 -15.87 0.23
SE MSE A 15 17.92 -16.13 -0.66
CE MSE A 15 16.79 -16.35 0.91
N ARG A 16 21.50 -12.01 0.87
CA ARG A 16 21.43 -10.56 0.88
C ARG A 16 20.30 -10.11 -0.04
N ILE A 17 19.25 -9.55 0.55
CA ILE A 17 18.06 -9.17 -0.20
C ILE A 17 17.89 -7.65 -0.30
N LEU A 18 17.96 -7.14 -1.52
CA LEU A 18 17.77 -5.71 -1.76
C LEU A 18 16.30 -5.40 -2.00
N VAL A 19 15.67 -4.75 -1.03
CA VAL A 19 14.26 -4.38 -1.13
C VAL A 19 14.10 -3.01 -1.77
N ILE A 20 13.43 -2.97 -2.92
CA ILE A 20 13.25 -1.73 -3.66
C ILE A 20 11.82 -1.21 -3.54
N ALA A 21 11.67 -0.03 -2.96
CA ALA A 21 10.33 0.52 -2.68
C ALA A 21 10.04 1.81 -3.44
N GLY A 22 8.86 2.37 -3.21
CA GLY A 22 8.40 3.54 -3.92
C GLY A 22 8.80 4.86 -3.28
N CYS A 23 8.06 5.92 -3.60
CA CYS A 23 8.40 7.27 -3.16
C CYS A 23 7.41 7.88 -2.18
N SER A 24 6.35 7.14 -1.85
CA SER A 24 5.43 7.56 -0.80
C SER A 24 5.13 6.40 0.16
N GLU A 25 4.63 6.73 1.35
CA GLU A 25 4.45 5.75 2.42
C GLU A 25 3.65 4.52 2.02
N GLY A 26 2.66 4.71 1.15
CA GLY A 26 1.79 3.63 0.72
C GLY A 26 2.48 2.55 -0.09
N PHE A 27 3.64 2.89 -0.64
CA PHE A 27 4.40 1.95 -1.46
C PHE A 27 5.60 1.36 -0.70
N VAL A 28 5.79 1.83 0.53
CA VAL A 28 6.93 1.37 1.33
C VAL A 28 6.49 0.50 2.51
N MSE A 29 5.55 1.00 3.28
CA MSE A 29 5.04 0.31 4.47
C MSE A 29 4.59 -1.15 4.27
O MSE A 29 4.91 -2.00 5.10
CB MSE A 29 3.93 1.13 5.13
CG MSE A 29 4.38 2.48 5.66
SE MSE A 29 2.91 3.54 6.38
CE MSE A 29 3.94 5.06 7.04
N PRO A 30 3.85 -1.45 3.19
CA PRO A 30 3.42 -2.85 3.05
C PRO A 30 4.55 -3.83 2.70
N LEU A 31 5.76 -3.33 2.46
CA LEU A 31 6.90 -4.19 2.21
C LEU A 31 7.69 -4.47 3.49
N VAL A 32 7.38 -3.71 4.53
CA VAL A 32 8.05 -3.85 5.83
C VAL A 32 7.91 -5.23 6.50
N PRO A 33 6.67 -5.78 6.59
CA PRO A 33 6.53 -7.07 7.28
C PRO A 33 7.33 -8.21 6.64
N LEU A 34 7.33 -8.28 5.31
CA LEU A 34 8.07 -9.34 4.63
C LEU A 34 9.57 -9.11 4.73
N SER A 35 9.97 -7.85 4.78
CA SER A 35 11.38 -7.50 4.94
C SER A 35 11.88 -7.94 6.30
N TRP A 36 11.09 -7.68 7.33
CA TRP A 36 11.44 -8.11 8.69
C TRP A 36 11.32 -9.62 8.84
N ALA A 37 10.42 -10.23 8.05
CA ALA A 37 10.28 -11.67 8.05
C ALA A 37 11.55 -12.32 7.50
N LEU A 38 12.17 -11.65 6.53
CA LEU A 38 13.44 -12.12 5.97
C LEU A 38 14.57 -11.91 6.98
N ARG A 39 14.57 -10.75 7.63
CA ARG A 39 15.58 -10.43 8.62
C ARG A 39 15.49 -11.37 9.82
N ALA A 40 14.27 -11.77 10.14
CA ALA A 40 14.03 -12.70 11.24
C ALA A 40 14.59 -14.08 10.93
N ALA A 41 14.69 -14.40 9.65
CA ALA A 41 15.21 -15.69 9.21
C ALA A 41 16.73 -15.64 9.02
N GLY A 42 17.35 -14.58 9.51
CA GLY A 42 18.80 -14.46 9.51
C GLY A 42 19.39 -13.88 8.24
N HIS A 43 18.54 -13.36 7.36
CA HIS A 43 19.00 -12.80 6.10
C HIS A 43 19.35 -11.32 6.23
N GLU A 44 20.15 -10.83 5.28
CA GLU A 44 20.56 -9.44 5.26
C GLU A 44 19.64 -8.64 4.35
N VAL A 45 18.95 -7.65 4.91
CA VAL A 45 18.02 -6.84 4.12
C VAL A 45 18.44 -5.37 4.05
N LEU A 46 18.25 -4.78 2.87
CA LEU A 46 18.52 -3.37 2.67
C LEU A 46 17.43 -2.76 1.82
N VAL A 47 16.73 -1.77 2.36
CA VAL A 47 15.63 -1.13 1.65
C VAL A 47 16.11 0.09 0.87
N ALA A 48 15.94 0.04 -0.45
CA ALA A 48 16.33 1.15 -1.31
C ALA A 48 15.10 1.88 -1.83
N ALA A 49 15.01 3.18 -1.54
CA ALA A 49 13.89 3.99 -1.99
C ALA A 49 14.32 5.44 -2.17
N SER A 50 13.37 6.30 -2.49
CA SER A 50 13.64 7.72 -2.66
C SER A 50 14.08 8.31 -1.31
N GLU A 51 14.86 9.39 -1.37
CA GLU A 51 15.47 9.97 -0.18
C GLU A 51 14.46 10.44 0.87
N ASN A 52 13.26 10.80 0.41
CA ASN A 52 12.21 11.24 1.33
C ASN A 52 11.53 10.09 2.06
N MSE A 53 11.81 8.86 1.64
CA MSE A 53 11.24 7.68 2.27
C MSE A 53 12.18 7.09 3.32
O MSE A 53 11.89 6.05 3.90
CB MSE A 53 10.88 6.62 1.22
CG MSE A 53 9.59 6.94 0.45
SE MSE A 53 8.04 7.04 1.62
CE MSE A 53 7.91 8.98 1.80
N GLY A 54 13.29 7.77 3.55
CA GLY A 54 14.26 7.37 4.56
C GLY A 54 13.68 7.17 5.95
N PRO A 55 13.11 8.24 6.54
CA PRO A 55 12.50 8.16 7.87
C PRO A 55 11.42 7.09 8.00
N THR A 56 10.71 6.80 6.91
CA THR A 56 9.68 5.76 6.91
C THR A 56 10.32 4.38 7.02
N VAL A 57 11.36 4.14 6.22
CA VAL A 57 12.06 2.86 6.22
C VAL A 57 12.75 2.61 7.56
N THR A 58 13.54 3.58 8.00
CA THR A 58 14.32 3.45 9.22
C THR A 58 13.42 3.51 10.46
N GLY A 59 12.28 4.17 10.32
CA GLY A 59 11.29 4.21 11.39
C GLY A 59 10.63 2.86 11.58
N ALA A 60 10.82 1.97 10.61
CA ALA A 60 10.31 0.61 10.69
C ALA A 60 11.41 -0.34 11.18
N GLY A 61 12.58 0.22 11.47
CA GLY A 61 13.69 -0.57 11.99
C GLY A 61 14.54 -1.22 10.92
N LEU A 62 14.42 -0.72 9.68
CA LEU A 62 15.14 -1.31 8.55
C LEU A 62 16.24 -0.40 8.03
N PRO A 63 17.34 -1.00 7.55
CA PRO A 63 18.45 -0.26 6.93
C PRO A 63 17.98 0.44 5.66
N PHE A 64 18.49 1.64 5.39
CA PHE A 64 18.03 2.42 4.25
C PHE A 64 19.17 2.96 3.38
N ALA A 65 18.91 3.02 2.08
CA ALA A 65 19.82 3.63 1.12
C ALA A 65 19.02 4.35 0.04
N PRO A 66 19.32 5.65 -0.18
CA PRO A 66 18.59 6.46 -1.16
C PRO A 66 18.98 6.16 -2.60
N THR A 67 18.00 6.09 -3.49
CA THR A 67 18.27 5.83 -4.91
C THR A 67 18.01 7.07 -5.76
N CYS A 68 17.45 8.11 -5.12
CA CYS A 68 17.18 9.37 -5.79
C CYS A 68 16.80 10.39 -4.72
N PRO A 69 16.88 11.69 -5.05
CA PRO A 69 16.46 12.74 -4.11
C PRO A 69 14.97 12.64 -3.74
N SER A 70 14.51 13.57 -2.91
CA SER A 70 13.10 13.61 -2.50
C SER A 70 12.20 13.68 -3.74
N LEU A 71 11.19 12.81 -3.77
CA LEU A 71 10.37 12.65 -4.97
C LEU A 71 8.95 12.21 -4.67
N ASP A 72 8.00 12.76 -5.43
N ASP A 72 8.00 12.75 -5.41
CA ASP A 72 6.60 12.38 -5.32
CA ASP A 72 6.61 12.32 -5.30
C ASP A 72 6.11 11.89 -6.69
C ASP A 72 6.07 11.94 -6.66
N MSE A 73 5.05 11.08 -6.67
CA MSE A 73 4.47 10.57 -7.92
C MSE A 73 4.04 11.61 -8.98
O MSE A 73 4.29 11.40 -10.16
CB MSE A 73 3.33 9.58 -7.64
CG MSE A 73 3.79 8.20 -7.24
SE MSE A 73 4.95 7.38 -8.59
CE MSE A 73 3.81 7.63 -10.16
N PRO A 74 3.37 12.70 -8.56
CA PRO A 74 2.94 13.69 -9.57
C PRO A 74 4.05 14.24 -10.46
N GLU A 75 5.28 14.37 -9.95
CA GLU A 75 6.39 14.84 -10.75
C GLU A 75 6.61 13.94 -11.96
N VAL A 76 6.48 12.64 -11.72
CA VAL A 76 6.78 11.64 -12.73
C VAL A 76 5.58 11.37 -13.63
N LEU A 77 4.39 11.48 -13.06
CA LEU A 77 3.16 11.16 -13.78
C LEU A 77 2.71 12.32 -14.68
N SER A 78 3.08 13.54 -14.33
CA SER A 78 2.64 14.72 -15.07
C SER A 78 3.60 15.13 -16.18
N TRP A 79 4.71 14.40 -16.31
CA TRP A 79 5.67 14.68 -17.37
C TRP A 79 6.21 13.39 -17.99
N ASP A 80 6.37 13.40 -19.31
CA ASP A 80 6.87 12.22 -20.01
C ASP A 80 8.36 12.31 -20.28
N ARG A 81 8.90 11.31 -20.97
CA ARG A 81 10.33 11.25 -21.27
C ARG A 81 10.76 12.41 -22.17
N GLU A 82 9.85 12.83 -23.04
CA GLU A 82 10.11 13.94 -23.95
C GLU A 82 10.27 15.25 -23.19
N GLY A 83 9.70 15.32 -21.99
CA GLY A 83 9.77 16.51 -21.18
C GLY A 83 8.50 17.34 -21.28
N ASN A 84 7.49 16.76 -21.92
CA ASN A 84 6.22 17.46 -22.13
C ASN A 84 5.20 17.13 -21.04
N ARG A 85 4.43 18.15 -20.65
CA ARG A 85 3.38 17.99 -19.66
C ARG A 85 2.31 17.00 -20.13
N THR A 86 1.90 16.11 -19.24
CA THR A 86 0.84 15.15 -19.57
C THR A 86 -0.40 15.41 -18.74
N THR A 87 -1.56 15.08 -19.29
CA THR A 87 -2.83 15.22 -18.59
C THR A 87 -3.50 13.86 -18.42
N MSE A 88 -4.45 13.79 -17.50
CA MSE A 88 -5.13 12.52 -17.19
C MSE A 88 -6.37 12.31 -18.05
O MSE A 88 -7.25 13.17 -18.11
CB MSE A 88 -5.51 12.45 -15.72
CG MSE A 88 -4.35 12.70 -14.76
SE MSE A 88 -4.90 12.40 -12.91
CE MSE A 88 -6.53 13.47 -12.90
N PRO A 89 -6.46 11.14 -18.72
CA PRO A 89 -7.66 10.77 -19.46
C PRO A 89 -8.83 10.55 -18.51
N ARG A 90 -10.03 10.91 -18.96
CA ARG A 90 -11.24 10.69 -18.16
C ARG A 90 -11.70 9.24 -18.27
N GLU A 91 -11.50 8.67 -19.45
CA GLU A 91 -11.77 7.26 -19.69
C GLU A 91 -10.89 6.43 -18.77
N GLU A 92 -11.50 5.53 -18.01
CA GLU A 92 -10.77 4.75 -17.00
C GLU A 92 -9.62 3.93 -17.57
N LYS A 93 -9.85 3.28 -18.70
CA LYS A 93 -8.85 2.39 -19.28
C LYS A 93 -7.52 3.07 -19.67
N PRO A 94 -7.57 4.14 -20.49
CA PRO A 94 -6.29 4.79 -20.79
C PRO A 94 -5.77 5.61 -19.62
N LEU A 95 -6.64 5.87 -18.64
CA LEU A 95 -6.23 6.53 -17.41
C LEU A 95 -5.32 5.59 -16.63
N LEU A 96 -5.60 4.30 -16.70
CA LEU A 96 -4.77 3.29 -16.04
C LEU A 96 -3.44 3.13 -16.77
N GLU A 97 -3.49 3.22 -18.10
CA GLU A 97 -2.27 3.16 -18.89
C GLU A 97 -1.42 4.39 -18.65
N HIS A 98 -2.08 5.54 -18.48
CA HIS A 98 -1.41 6.78 -18.16
C HIS A 98 -0.66 6.66 -16.84
N ILE A 99 -1.34 6.13 -15.83
CA ILE A 99 -0.75 5.90 -14.52
C ILE A 99 0.41 4.93 -14.60
N GLY A 100 0.23 3.86 -15.39
CA GLY A 100 1.26 2.86 -15.57
C GLY A 100 2.55 3.42 -16.13
N ARG A 101 2.43 4.29 -17.13
CA ARG A 101 3.60 4.94 -17.71
C ARG A 101 4.28 5.83 -16.68
N GLY A 102 3.54 6.27 -15.68
CA GLY A 102 4.09 7.04 -14.59
C GLY A 102 5.05 6.21 -13.76
N TYR A 103 4.65 4.97 -13.46
CA TYR A 103 5.51 4.05 -12.72
C TYR A 103 6.73 3.67 -13.54
N GLY A 104 6.55 3.60 -14.86
CA GLY A 104 7.64 3.27 -15.75
C GLY A 104 8.72 4.33 -15.75
N ARG A 105 8.29 5.59 -15.76
CA ARG A 105 9.24 6.71 -15.76
C ARG A 105 9.84 6.94 -14.38
N LEU A 106 9.19 6.38 -13.36
CA LEU A 106 9.70 6.44 -11.99
C LEU A 106 11.01 5.64 -11.92
N VAL A 107 11.08 4.59 -12.72
CA VAL A 107 12.26 3.74 -12.78
C VAL A 107 13.47 4.51 -13.31
N LEU A 108 13.22 5.40 -14.25
CA LEU A 108 14.28 6.21 -14.85
C LEU A 108 14.95 7.13 -13.84
N ARG A 109 14.24 7.41 -12.74
CA ARG A 109 14.76 8.30 -11.71
C ARG A 109 15.53 7.53 -10.64
N MSE A 110 15.28 6.23 -10.55
CA MSE A 110 15.84 5.41 -9.48
C MSE A 110 16.94 4.47 -9.94
O MSE A 110 17.87 4.19 -9.18
CB MSE A 110 14.73 4.63 -8.78
CG MSE A 110 13.98 5.40 -7.71
SE MSE A 110 12.27 4.61 -7.24
CE MSE A 110 12.80 2.74 -7.15
N ARG A 111 16.84 3.99 -11.17
CA ARG A 111 17.69 2.89 -11.66
C ARG A 111 19.19 3.10 -11.49
N ASP A 112 19.68 4.32 -11.75
CA ASP A 112 21.11 4.59 -11.69
C ASP A 112 21.72 4.29 -10.32
N GLU A 113 21.26 5.00 -9.30
CA GLU A 113 21.75 4.78 -7.95
C GLU A 113 21.35 3.41 -7.42
N ALA A 114 20.21 2.90 -7.88
CA ALA A 114 19.74 1.58 -7.47
C ALA A 114 20.62 0.48 -8.06
N LEU A 115 21.17 0.74 -9.23
CA LEU A 115 22.05 -0.22 -9.89
C LEU A 115 23.42 -0.19 -9.24
N ALA A 116 23.99 1.01 -9.11
CA ALA A 116 25.30 1.18 -8.50
C ALA A 116 25.33 0.64 -7.07
N LEU A 117 24.22 0.81 -6.35
CA LEU A 117 24.08 0.27 -5.01
C LEU A 117 24.03 -1.26 -5.07
N ALA A 118 23.45 -1.78 -6.14
CA ALA A 118 23.32 -3.23 -6.32
C ALA A 118 24.66 -3.85 -6.73
N GLU A 119 25.48 -3.09 -7.44
CA GLU A 119 26.79 -3.55 -7.86
C GLU A 119 27.69 -3.75 -6.64
N ARG A 120 27.65 -2.79 -5.73
CA ARG A 120 28.53 -2.77 -4.57
C ARG A 120 28.05 -3.66 -3.42
N TRP A 121 26.75 -3.66 -3.18
CA TRP A 121 26.19 -4.45 -2.07
C TRP A 121 26.04 -5.91 -2.45
N LYS A 122 25.90 -6.17 -3.75
CA LYS A 122 25.79 -7.53 -4.29
C LYS A 122 24.69 -8.37 -3.63
N PRO A 123 23.43 -8.10 -3.98
CA PRO A 123 22.32 -8.89 -3.45
C PRO A 123 22.11 -10.18 -4.23
N ASP A 124 21.51 -11.18 -3.60
CA ASP A 124 21.23 -12.44 -4.26
C ASP A 124 19.80 -12.45 -4.79
N LEU A 125 18.99 -11.53 -4.28
CA LEU A 125 17.57 -11.53 -4.55
C LEU A 125 16.96 -10.15 -4.34
N VAL A 126 16.00 -9.80 -5.19
CA VAL A 126 15.34 -8.49 -5.11
C VAL A 126 13.88 -8.61 -4.69
N LEU A 127 13.50 -7.90 -3.64
CA LEU A 127 12.11 -7.84 -3.20
C LEU A 127 11.51 -6.48 -3.57
N THR A 128 10.32 -6.51 -4.15
CA THR A 128 9.68 -5.28 -4.59
C THR A 128 8.17 -5.46 -4.75
N GLU A 129 7.46 -4.35 -4.93
CA GLU A 129 6.02 -4.40 -5.14
C GLU A 129 5.69 -4.43 -6.63
N THR A 130 4.41 -4.57 -6.95
CA THR A 130 3.97 -4.79 -8.33
C THR A 130 4.35 -3.67 -9.30
N TYR A 131 4.20 -2.43 -8.86
CA TYR A 131 4.41 -1.30 -9.76
C TYR A 131 5.77 -0.61 -9.60
N SER A 132 6.61 -1.17 -8.73
CA SER A 132 7.99 -0.70 -8.62
C SER A 132 8.88 -1.48 -9.57
N LEU A 133 8.88 -1.07 -10.82
CA LEU A 133 9.56 -1.82 -11.89
C LEU A 133 11.09 -1.67 -11.87
N THR A 134 11.60 -0.84 -10.97
CA THR A 134 13.04 -0.71 -10.81
C THR A 134 13.62 -2.01 -10.30
N GLY A 135 12.85 -2.70 -9.45
CA GLY A 135 13.22 -4.00 -8.95
C GLY A 135 13.55 -5.01 -10.02
N PRO A 136 12.58 -5.36 -10.87
CA PRO A 136 12.79 -6.28 -12.00
C PRO A 136 13.93 -5.84 -12.91
N LEU A 137 14.04 -4.53 -13.15
CA LEU A 137 15.10 -4.01 -14.00
C LEU A 137 16.48 -4.27 -13.40
N VAL A 138 16.63 -3.96 -12.13
CA VAL A 138 17.89 -4.19 -11.42
C VAL A 138 18.20 -5.69 -11.37
N ALA A 139 17.18 -6.49 -11.09
CA ALA A 139 17.33 -7.94 -11.01
C ALA A 139 17.76 -8.53 -12.35
N ALA A 140 17.15 -8.04 -13.43
CA ALA A 140 17.46 -8.53 -14.77
C ALA A 140 18.84 -8.08 -15.22
N THR A 141 19.24 -6.90 -14.76
CA THR A 141 20.53 -6.33 -15.13
C THR A 141 21.68 -7.11 -14.51
N LEU A 142 21.52 -7.55 -13.26
CA LEU A 142 22.55 -8.30 -12.56
C LEU A 142 22.45 -9.79 -12.84
N GLY A 143 21.29 -10.23 -13.32
CA GLY A 143 21.08 -11.63 -13.62
C GLY A 143 20.72 -12.45 -12.40
N ILE A 144 19.87 -11.88 -11.54
CA ILE A 144 19.45 -12.53 -10.31
C ILE A 144 17.93 -12.59 -10.23
N PRO A 145 17.39 -13.60 -9.53
CA PRO A 145 15.93 -13.71 -9.39
C PRO A 145 15.35 -12.55 -8.59
N TRP A 146 14.03 -12.36 -8.67
CA TRP A 146 13.35 -11.31 -7.91
C TRP A 146 11.99 -11.77 -7.42
N ILE A 147 11.49 -11.13 -6.38
CA ILE A 147 10.20 -11.47 -5.79
C ILE A 147 9.20 -10.34 -5.97
N GLU A 148 8.02 -10.67 -6.48
CA GLU A 148 6.95 -9.69 -6.63
C GLU A 148 5.89 -9.87 -5.56
N GLN A 149 5.69 -8.85 -4.73
CA GLN A 149 4.63 -8.87 -3.73
C GLN A 149 3.56 -7.86 -4.07
N SER A 150 2.30 -8.30 -4.03
CA SER A 150 1.18 -7.40 -4.24
C SER A 150 0.87 -6.66 -2.94
N ILE A 151 0.51 -5.40 -3.05
CA ILE A 151 0.16 -4.59 -1.88
C ILE A 151 -1.24 -4.03 -2.04
N ARG A 152 -2.01 -4.65 -2.92
CA ARG A 152 -3.35 -4.18 -3.26
C ARG A 152 -4.35 -5.33 -3.28
N LEU A 153 -5.62 -5.00 -3.03
CA LEU A 153 -6.70 -5.98 -3.16
C LEU A 153 -6.78 -6.48 -4.60
N ALA A 154 -6.58 -5.56 -5.53
CA ALA A 154 -6.56 -5.88 -6.95
C ALA A 154 -5.54 -5.00 -7.66
N SER A 155 -4.68 -5.63 -8.45
CA SER A 155 -3.67 -4.89 -9.20
C SER A 155 -3.92 -4.99 -10.70
N PRO A 156 -4.59 -3.97 -11.26
CA PRO A 156 -4.88 -3.92 -12.70
C PRO A 156 -3.63 -4.10 -13.54
N GLU A 157 -3.57 -5.21 -14.28
CA GLU A 157 -2.39 -5.54 -15.09
C GLU A 157 -2.16 -4.51 -16.19
N LEU A 158 -3.19 -3.73 -16.48
CA LEU A 158 -3.11 -2.69 -17.50
C LEU A 158 -2.12 -1.61 -17.08
N ILE A 159 -2.06 -1.34 -15.78
CA ILE A 159 -1.08 -0.41 -15.22
C ILE A 159 0.33 -0.95 -15.41
N LYS A 160 0.52 -2.21 -15.02
CA LYS A 160 1.82 -2.86 -15.11
C LYS A 160 2.31 -2.97 -16.55
N SER A 161 1.42 -3.36 -17.45
CA SER A 161 1.77 -3.53 -18.86
C SER A 161 2.21 -2.21 -19.50
N ALA A 162 1.54 -1.12 -19.13
CA ALA A 162 1.88 0.19 -19.65
C ALA A 162 3.26 0.63 -19.17
N GLY A 163 3.57 0.32 -17.92
CA GLY A 163 4.87 0.65 -17.35
C GLY A 163 5.99 -0.10 -18.02
N VAL A 164 5.77 -1.38 -18.29
CA VAL A 164 6.75 -2.21 -18.99
C VAL A 164 6.96 -1.68 -20.41
N GLY A 165 5.87 -1.30 -21.07
CA GLY A 165 5.93 -0.76 -22.41
C GLY A 165 6.68 0.56 -22.48
N GLU A 166 6.54 1.36 -21.44
CA GLU A 166 7.22 2.65 -21.37
C GLU A 166 8.73 2.44 -21.18
N LEU A 167 9.09 1.34 -20.53
CA LEU A 167 10.49 1.04 -20.25
C LEU A 167 11.17 0.27 -21.37
N ALA A 168 10.44 0.07 -22.48
CA ALA A 168 10.95 -0.69 -23.63
C ALA A 168 12.38 -0.36 -24.09
N PRO A 169 12.74 0.94 -24.15
CA PRO A 169 14.13 1.23 -24.50
C PRO A 169 15.13 0.70 -23.48
N GLU A 170 14.72 0.62 -22.21
CA GLU A 170 15.60 0.17 -21.15
C GLU A 170 15.74 -1.36 -21.11
N LEU A 171 14.71 -2.04 -21.59
CA LEU A 171 14.76 -3.50 -21.69
C LEU A 171 15.52 -3.94 -22.92
N ALA A 172 15.36 -3.19 -24.01
CA ALA A 172 16.09 -3.45 -25.24
C ALA A 172 17.58 -3.23 -25.02
N GLU A 173 17.89 -2.36 -24.07
CA GLU A 173 19.27 -2.11 -23.65
C GLU A 173 19.86 -3.39 -23.07
N LEU A 174 19.04 -4.20 -22.45
CA LEU A 174 19.45 -5.49 -21.91
C LEU A 174 19.14 -6.61 -22.90
N GLY A 175 18.70 -6.23 -24.09
CA GLY A 175 18.31 -7.19 -25.10
C GLY A 175 17.08 -7.98 -24.68
N LEU A 176 16.14 -7.28 -24.06
CA LEU A 176 14.93 -7.90 -23.54
C LEU A 176 13.67 -7.28 -24.12
N THR A 177 12.56 -7.98 -23.96
CA THR A 177 11.25 -7.48 -24.36
C THR A 177 10.40 -7.23 -23.12
N ASP A 178 10.36 -8.23 -22.25
CA ASP A 178 9.67 -8.12 -20.97
C ASP A 178 10.60 -8.59 -19.86
N PHE A 179 10.37 -8.12 -18.64
CA PHE A 179 11.15 -8.57 -17.50
C PHE A 179 10.95 -10.06 -17.31
N PRO A 180 12.02 -10.77 -16.90
CA PRO A 180 11.88 -12.19 -16.58
C PRO A 180 10.90 -12.37 -15.42
N ASP A 181 10.07 -13.41 -15.48
CA ASP A 181 9.08 -13.65 -14.45
C ASP A 181 9.73 -13.76 -13.08
N PRO A 182 9.10 -13.18 -12.05
CA PRO A 182 9.66 -13.19 -10.70
C PRO A 182 9.71 -14.61 -10.14
N LEU A 183 10.63 -14.87 -9.23
CA LEU A 183 10.77 -16.18 -8.63
C LEU A 183 9.48 -16.54 -7.87
N LEU A 184 8.83 -15.52 -7.34
CA LEU A 184 7.57 -15.72 -6.62
C LEU A 184 6.67 -14.51 -6.79
N SER A 185 5.42 -14.76 -7.18
CA SER A 185 4.42 -13.70 -7.27
C SER A 185 3.44 -13.81 -6.12
N ILE A 186 3.46 -12.83 -5.24
CA ILE A 186 2.67 -12.87 -4.01
C ILE A 186 1.38 -12.07 -4.13
N ASP A 187 0.27 -12.66 -3.73
CA ASP A 187 -1.02 -12.00 -3.76
C ASP A 187 -1.61 -12.00 -2.35
N VAL A 188 -2.33 -10.93 -2.02
CA VAL A 188 -2.85 -10.76 -0.66
C VAL A 188 -4.37 -10.65 -0.60
N CYS A 189 -5.03 -10.88 -1.73
CA CYS A 189 -6.49 -10.81 -1.78
C CYS A 189 -7.11 -12.11 -1.28
N PRO A 190 -8.07 -12.01 -0.35
CA PRO A 190 -8.80 -13.17 0.16
C PRO A 190 -9.54 -13.89 -0.96
N PRO A 191 -9.39 -15.22 -1.04
CA PRO A 191 -9.99 -16.07 -2.08
C PRO A 191 -11.49 -15.80 -2.32
N SER A 192 -12.25 -15.51 -1.27
CA SER A 192 -13.68 -15.28 -1.41
C SER A 192 -13.99 -13.83 -1.79
N MSE A 193 -13.09 -13.23 -2.57
CA MSE A 193 -13.24 -11.85 -3.00
C MSE A 193 -12.89 -11.71 -4.47
O MSE A 193 -13.68 -11.17 -5.26
CB MSE A 193 -12.31 -10.95 -2.22
CG MSE A 193 -12.89 -10.25 -1.03
SE MSE A 193 -11.66 -8.82 -0.53
CE MSE A 193 -12.71 -7.99 0.88
N GLU A 194 -11.71 -12.18 -4.82
CA GLU A 194 -11.12 -11.93 -6.13
C GLU A 194 -11.91 -12.48 -7.31
N ALA A 195 -11.79 -11.82 -8.45
CA ALA A 195 -12.46 -12.25 -9.67
C ALA A 195 -11.60 -13.24 -10.44
N GLY A 200 0.00 -18.40 -11.41
CA GLY A 200 1.27 -18.59 -10.75
C GLY A 200 1.48 -17.63 -9.60
N THR A 201 0.51 -17.59 -8.69
CA THR A 201 0.57 -16.70 -7.54
C THR A 201 0.42 -17.46 -6.23
N THR A 202 1.09 -16.98 -5.19
CA THR A 202 0.98 -17.56 -3.86
C THR A 202 0.29 -16.57 -2.93
N LYS A 203 -0.68 -17.06 -2.16
CA LYS A 203 -1.41 -16.20 -1.23
C LYS A 203 -0.63 -15.97 0.06
N MSE A 204 -0.69 -14.74 0.56
CA MSE A 204 -0.05 -14.39 1.82
C MSE A 204 -0.99 -13.56 2.68
O MSE A 204 -1.68 -12.67 2.18
CB MSE A 204 1.26 -13.63 1.59
CG MSE A 204 2.03 -13.33 2.87
SE MSE A 204 3.19 -11.77 2.75
CE MSE A 204 4.52 -12.44 1.50
N ARG A 205 -1.01 -13.84 3.99
CA ARG A 205 -1.80 -13.03 4.92
C ARG A 205 -1.23 -11.62 4.99
N TYR A 206 -2.12 -10.64 4.97
CA TYR A 206 -1.68 -9.24 5.05
C TYR A 206 -1.47 -8.81 6.50
N VAL A 207 -0.21 -8.82 6.92
CA VAL A 207 0.15 -8.28 8.23
C VAL A 207 0.39 -6.78 8.07
N PRO A 208 -0.47 -5.96 8.69
CA PRO A 208 -0.42 -4.52 8.47
C PRO A 208 0.68 -3.79 9.24
N TYR A 209 1.47 -2.99 8.52
CA TYR A 209 2.35 -2.02 9.15
C TYR A 209 1.94 -0.62 8.69
N ASN A 210 1.62 0.25 9.64
CA ASN A 210 1.04 1.54 9.32
C ASN A 210 1.86 2.74 9.78
N GLY A 211 3.14 2.52 10.03
CA GLY A 211 4.03 3.61 10.38
C GLY A 211 4.47 3.64 11.83
N ARG A 212 4.94 4.81 12.26
CA ARG A 212 5.60 4.95 13.56
C ARG A 212 4.95 6.04 14.40
N ASN A 213 4.57 5.67 15.63
CA ASN A 213 4.00 6.63 16.58
C ASN A 213 4.77 6.58 17.89
N ASP A 214 4.57 7.59 18.75
CA ASP A 214 5.25 7.63 20.03
C ASP A 214 4.84 6.46 20.93
N GLN A 215 3.55 6.16 20.93
CA GLN A 215 3.02 5.04 21.69
C GLN A 215 1.59 4.72 21.25
N VAL A 216 1.11 3.55 21.63
CA VAL A 216 -0.29 3.20 21.42
C VAL A 216 -1.13 4.09 22.33
N PRO A 217 -2.10 4.82 21.73
CA PRO A 217 -2.98 5.73 22.46
C PRO A 217 -3.63 5.08 23.67
N SER A 218 -3.74 5.84 24.76
CA SER A 218 -4.25 5.31 26.02
C SER A 218 -5.70 4.83 25.94
N TRP A 219 -6.48 5.48 25.07
CA TRP A 219 -7.90 5.15 24.94
C TRP A 219 -8.15 3.82 24.23
N VAL A 220 -7.10 3.26 23.63
CA VAL A 220 -7.22 1.98 22.93
C VAL A 220 -7.47 0.83 23.92
N PHE A 221 -6.82 0.91 25.08
CA PHE A 221 -6.88 -0.17 26.06
C PHE A 221 -8.12 -0.09 26.96
N GLU A 222 -8.52 1.13 27.31
CA GLU A 222 -9.69 1.32 28.18
C GLU A 222 -10.99 0.98 27.46
N GLU A 223 -12.05 0.78 28.23
CA GLU A 223 -13.33 0.35 27.68
C GLU A 223 -14.01 1.43 26.83
N ARG A 224 -14.83 0.99 25.89
CA ARG A 224 -15.50 1.88 24.96
C ARG A 224 -17.01 1.84 25.15
N LYS A 225 -17.59 2.96 25.56
CA LYS A 225 -19.03 3.00 25.86
C LYS A 225 -19.87 3.67 24.78
N GLN A 226 -19.30 3.82 23.58
CA GLN A 226 -20.04 4.30 22.42
C GLN A 226 -19.25 4.03 21.14
N PRO A 227 -19.95 3.72 20.03
CA PRO A 227 -19.32 3.39 18.75
C PRO A 227 -18.28 4.42 18.32
N ARG A 228 -17.06 3.96 18.08
CA ARG A 228 -15.97 4.84 17.69
C ARG A 228 -15.65 4.73 16.20
N LEU A 229 -15.51 5.87 15.55
CA LEU A 229 -15.23 5.91 14.12
C LEU A 229 -13.84 6.49 13.83
N CYS A 230 -13.13 5.87 12.90
CA CYS A 230 -11.82 6.36 12.47
C CYS A 230 -11.90 7.04 11.12
N LEU A 231 -11.48 8.30 11.07
CA LEU A 231 -11.52 9.08 9.84
C LEU A 231 -10.10 9.36 9.34
N THR A 232 -9.74 8.79 8.19
CA THR A 232 -8.41 8.95 7.65
C THR A 232 -8.40 9.00 6.12
N PHE A 233 -7.56 9.86 5.55
CA PHE A 233 -7.47 9.97 4.10
C PHE A 233 -6.07 9.66 3.58
N GLY A 234 -5.23 9.10 4.43
CA GLY A 234 -3.90 8.66 4.03
C GLY A 234 -2.83 9.73 4.13
N THR A 235 -1.82 9.63 3.29
CA THR A 235 -0.67 10.53 3.34
C THR A 235 -0.57 11.42 2.11
N ARG A 236 -1.42 11.14 1.12
CA ARG A 236 -1.37 11.87 -0.14
C ARG A 236 -2.62 12.74 -0.34
N VAL A 237 -3.79 12.14 -0.15
CA VAL A 237 -5.07 12.85 -0.28
C VAL A 237 -5.16 14.09 0.63
N PRO A 238 -4.75 13.98 1.91
CA PRO A 238 -4.67 15.23 2.67
C PRO A 238 -3.53 16.10 2.17
N LEU A 239 -3.77 17.40 2.07
CA LEU A 239 -2.76 18.32 1.55
C LEU A 239 -3.01 19.75 2.00
N LEU A 251 -12.76 18.69 3.06
CA LEU A 251 -13.70 17.60 3.26
C LEU A 251 -13.47 16.90 4.59
N LEU A 252 -12.19 16.71 4.93
CA LEU A 252 -11.82 16.02 6.16
C LEU A 252 -12.29 16.79 7.40
N GLN A 253 -12.23 18.12 7.31
CA GLN A 253 -12.65 18.95 8.43
C GLN A 253 -14.17 19.04 8.51
N ALA A 254 -14.83 18.73 7.40
CA ALA A 254 -16.29 18.75 7.35
C ALA A 254 -16.88 17.48 7.95
N LEU A 255 -16.35 16.34 7.53
CA LEU A 255 -16.81 15.05 8.04
C LEU A 255 -16.45 14.87 9.51
N SER A 256 -15.47 15.64 9.97
CA SER A 256 -15.04 15.58 11.35
C SER A 256 -16.08 16.19 12.30
N GLN A 257 -16.73 17.26 11.84
CA GLN A 257 -17.70 17.97 12.66
C GLN A 257 -19.08 17.33 12.64
N GLU A 258 -19.42 16.67 11.55
CA GLU A 258 -20.77 16.15 11.34
C GLU A 258 -20.96 14.70 11.82
N LEU A 259 -19.98 13.85 11.54
CA LEU A 259 -20.07 12.43 11.91
C LEU A 259 -20.43 12.10 13.37
N PRO A 260 -19.93 12.88 14.34
CA PRO A 260 -20.35 12.62 15.73
C PRO A 260 -21.86 12.74 15.95
N LYS A 261 -22.53 13.57 15.15
CA LYS A 261 -23.98 13.76 15.28
C LYS A 261 -24.75 12.51 14.87
N LEU A 262 -24.04 11.58 14.24
CA LEU A 262 -24.64 10.32 13.82
C LEU A 262 -24.59 9.30 14.95
N GLY A 263 -24.03 9.72 16.09
CA GLY A 263 -23.88 8.85 17.24
C GLY A 263 -22.53 8.16 17.25
N PHE A 264 -21.47 8.93 16.99
CA PHE A 264 -20.13 8.38 16.93
C PHE A 264 -19.12 9.20 17.72
N GLU A 265 -18.14 8.51 18.31
CA GLU A 265 -16.94 9.15 18.83
C GLU A 265 -15.90 9.00 17.73
N VAL A 266 -15.40 10.12 17.20
CA VAL A 266 -14.53 10.04 16.04
C VAL A 266 -13.05 10.33 16.33
N VAL A 267 -12.18 9.57 15.69
CA VAL A 267 -10.74 9.79 15.75
C VAL A 267 -10.21 10.01 14.34
N VAL A 268 -9.44 11.07 14.15
CA VAL A 268 -8.92 11.40 12.84
C VAL A 268 -7.44 11.04 12.69
N ALA A 269 -7.16 10.02 11.88
CA ALA A 269 -5.79 9.63 11.59
C ALA A 269 -5.25 10.42 10.42
N VAL A 270 -4.45 11.44 10.71
CA VAL A 270 -3.94 12.34 9.70
C VAL A 270 -2.60 12.89 10.18
N SER A 271 -1.80 13.46 9.27
CA SER A 271 -0.50 14.02 9.62
C SER A 271 -0.61 15.02 10.76
N ASP A 272 0.36 14.99 11.67
CA ASP A 272 0.36 15.84 12.86
C ASP A 272 0.31 17.33 12.50
N LYS A 273 1.00 17.70 11.43
CA LYS A 273 0.97 19.08 10.94
C LYS A 273 -0.44 19.45 10.48
N LEU A 274 -1.10 18.51 9.82
CA LEU A 274 -2.47 18.71 9.36
C LEU A 274 -3.44 18.75 10.54
N ALA A 275 -3.13 17.98 11.58
CA ALA A 275 -3.98 17.92 12.76
C ALA A 275 -3.82 19.18 13.60
N PRO A 282 -13.50 20.69 16.47
CA PRO A 282 -13.23 19.47 17.24
C PRO A 282 -14.11 19.34 18.49
N GLU A 283 -15.25 18.68 18.31
CA GLU A 283 -16.11 18.27 19.42
C GLU A 283 -16.81 17.00 18.98
N GLY A 284 -16.78 15.98 19.83
CA GLY A 284 -17.25 14.66 19.44
C GLY A 284 -16.06 13.90 18.87
N VAL A 285 -14.99 14.64 18.59
CA VAL A 285 -13.74 14.04 18.17
C VAL A 285 -12.95 13.67 19.42
N LEU A 286 -12.40 12.47 19.42
CA LEU A 286 -11.62 12.01 20.56
C LEU A 286 -10.20 12.55 20.43
N ALA A 287 -9.63 12.39 19.24
CA ALA A 287 -8.27 12.86 18.98
C ALA A 287 -8.03 13.00 17.48
N ALA A 288 -7.03 13.78 17.13
CA ALA A 288 -6.64 13.97 15.73
C ALA A 288 -5.12 14.03 15.62
N GLY A 289 -4.55 13.10 14.86
CA GLY A 289 -3.11 13.04 14.70
C GLY A 289 -2.65 11.76 14.06
N GLN A 290 -1.33 11.57 13.99
CA GLN A 290 -0.75 10.38 13.39
C GLN A 290 -0.95 9.15 14.25
N PHE A 291 -1.83 8.26 13.80
CA PHE A 291 -2.05 6.99 14.48
C PHE A 291 -1.96 5.83 13.49
N PRO A 292 -0.95 4.97 13.65
CA PRO A 292 -0.86 3.73 12.87
C PRO A 292 -2.15 2.94 13.07
N LEU A 293 -2.85 2.67 11.99
CA LEU A 293 -4.19 2.09 12.04
C LEU A 293 -4.26 0.78 12.84
N SER A 294 -3.28 -0.10 12.63
CA SER A 294 -3.25 -1.38 13.32
C SER A 294 -3.24 -1.24 14.83
N ALA A 295 -2.74 -0.10 15.32
CA ALA A 295 -2.68 0.15 16.75
C ALA A 295 -4.04 0.61 17.30
N ILE A 296 -4.83 1.27 16.47
CA ILE A 296 -6.11 1.84 16.93
C ILE A 296 -7.33 1.08 16.43
N MSE A 297 -7.14 0.22 15.44
CA MSE A 297 -8.25 -0.56 14.87
C MSE A 297 -9.08 -1.38 15.87
O MSE A 297 -10.32 -1.41 15.75
CB MSE A 297 -7.76 -1.46 13.71
CG MSE A 297 -7.64 -0.75 12.37
SE MSE A 297 -9.28 0.14 11.79
CE MSE A 297 -8.90 1.95 12.43
N PRO A 298 -8.44 -2.06 16.84
CA PRO A 298 -9.25 -2.79 17.82
C PRO A 298 -10.18 -1.89 18.62
N ALA A 299 -9.86 -0.60 18.69
CA ALA A 299 -10.67 0.35 19.46
C ALA A 299 -11.69 1.07 18.59
N CYS A 300 -11.85 0.60 17.35
CA CYS A 300 -12.78 1.23 16.41
C CYS A 300 -13.86 0.28 15.91
N ASP A 301 -14.95 0.84 15.41
CA ASP A 301 -16.06 0.04 14.90
C ASP A 301 -16.26 0.23 13.40
N VAL A 302 -15.89 1.40 12.89
CA VAL A 302 -16.08 1.71 11.48
C VAL A 302 -15.08 2.76 11.01
N VAL A 303 -14.61 2.64 9.78
CA VAL A 303 -13.62 3.56 9.23
C VAL A 303 -14.07 4.23 7.93
N VAL A 304 -13.97 5.55 7.89
CA VAL A 304 -14.23 6.29 6.66
C VAL A 304 -12.90 6.71 6.04
N HIS A 305 -12.65 6.27 4.81
CA HIS A 305 -11.36 6.55 4.17
C HIS A 305 -11.41 6.86 2.68
N HIS A 306 -10.24 7.08 2.11
CA HIS A 306 -10.10 7.52 0.72
C HIS A 306 -9.91 6.36 -0.24
N GLY A 307 -10.15 5.15 0.25
CA GLY A 307 -9.99 3.95 -0.57
C GLY A 307 -8.54 3.54 -0.73
N GLY A 308 -7.67 4.11 0.09
CA GLY A 308 -6.25 3.79 0.05
C GLY A 308 -5.98 2.31 0.23
N HIS A 309 -5.07 1.78 -0.60
CA HIS A 309 -4.77 0.34 -0.60
C HIS A 309 -4.36 -0.18 0.78
N GLY A 310 -3.40 0.49 1.41
CA GLY A 310 -2.93 0.10 2.72
C GLY A 310 -4.00 0.25 3.79
N THR A 311 -4.76 1.35 3.70
CA THR A 311 -5.83 1.62 4.65
C THR A 311 -6.94 0.57 4.55
N THR A 312 -7.28 0.20 3.31
CA THR A 312 -8.33 -0.78 3.07
C THR A 312 -7.94 -2.16 3.59
N LEU A 313 -6.74 -2.61 3.24
CA LEU A 313 -6.25 -3.92 3.64
C LEU A 313 -6.08 -4.03 5.16
N THR A 314 -5.67 -2.94 5.79
CA THR A 314 -5.48 -2.91 7.24
C THR A 314 -6.81 -3.01 7.96
N CYS A 315 -7.79 -2.23 7.50
CA CYS A 315 -9.14 -2.28 8.06
C CYS A 315 -9.77 -3.64 7.82
N LEU A 316 -9.46 -4.23 6.67
CA LEU A 316 -9.93 -5.56 6.33
C LEU A 316 -9.37 -6.61 7.27
N SER A 317 -8.06 -6.56 7.49
CA SER A 317 -7.36 -7.55 8.31
C SER A 317 -7.84 -7.53 9.76
N GLU A 318 -8.38 -6.41 10.19
CA GLU A 318 -8.87 -6.28 11.56
C GLU A 318 -10.40 -6.39 11.64
N GLY A 319 -11.02 -6.78 10.53
CA GLY A 319 -12.45 -7.03 10.49
C GLY A 319 -13.30 -5.83 10.83
N VAL A 320 -12.97 -4.68 10.25
CA VAL A 320 -13.71 -3.45 10.50
C VAL A 320 -14.38 -2.96 9.22
N PRO A 321 -15.71 -2.75 9.27
CA PRO A 321 -16.46 -2.24 8.11
C PRO A 321 -15.98 -0.84 7.71
N GLN A 322 -15.89 -0.60 6.41
CA GLN A 322 -15.29 0.63 5.90
C GLN A 322 -16.25 1.44 5.05
N VAL A 323 -16.13 2.76 5.12
CA VAL A 323 -16.80 3.64 4.17
C VAL A 323 -15.75 4.18 3.22
N SER A 324 -15.64 3.55 2.06
CA SER A 324 -14.58 3.87 1.10
C SER A 324 -15.02 4.96 0.12
N VAL A 325 -14.26 6.05 0.08
CA VAL A 325 -14.47 7.11 -0.90
C VAL A 325 -13.27 7.14 -1.84
N PRO A 326 -13.31 6.30 -2.89
CA PRO A 326 -12.18 6.07 -3.80
C PRO A 326 -11.77 7.34 -4.55
N VAL A 327 -10.59 7.87 -4.23
CA VAL A 327 -10.09 9.07 -4.88
C VAL A 327 -9.23 8.73 -6.09
N ILE A 328 -8.14 8.00 -5.85
CA ILE A 328 -7.19 7.66 -6.91
C ILE A 328 -7.71 6.51 -7.76
N ALA A 329 -7.44 6.57 -9.07
CA ALA A 329 -7.98 5.61 -10.03
C ALA A 329 -7.51 4.17 -9.81
N GLU A 330 -6.28 4.01 -9.33
CA GLU A 330 -5.71 2.68 -9.19
C GLU A 330 -6.30 1.88 -8.02
N VAL A 331 -7.08 2.54 -7.17
CA VAL A 331 -7.70 1.87 -6.03
C VAL A 331 -9.17 1.57 -6.29
N TRP A 332 -9.65 1.92 -7.48
CA TRP A 332 -11.05 1.74 -7.85
C TRP A 332 -11.50 0.27 -7.81
N ASP A 333 -10.69 -0.61 -8.38
CA ASP A 333 -11.01 -2.03 -8.40
C ASP A 333 -11.14 -2.61 -7.00
N SER A 334 -10.24 -2.19 -6.11
CA SER A 334 -10.24 -2.66 -4.73
C SER A 334 -11.52 -2.27 -3.99
N ALA A 335 -12.01 -1.06 -4.26
CA ALA A 335 -13.23 -0.57 -3.62
C ALA A 335 -14.46 -1.27 -4.17
N ARG A 336 -14.34 -1.81 -5.38
CA ARG A 336 -15.43 -2.56 -6.00
C ARG A 336 -15.52 -3.95 -5.40
N LEU A 337 -14.37 -4.59 -5.20
CA LEU A 337 -14.30 -5.89 -4.55
C LEU A 337 -14.78 -5.79 -3.10
N LEU A 338 -14.50 -4.65 -2.48
CA LEU A 338 -14.89 -4.40 -1.09
C LEU A 338 -16.40 -4.24 -0.97
N HIS A 339 -16.96 -3.36 -1.78
CA HIS A 339 -18.40 -3.08 -1.75
C HIS A 339 -19.23 -4.32 -2.10
N ALA A 340 -18.73 -5.11 -3.04
CA ALA A 340 -19.44 -6.31 -3.49
C ALA A 340 -19.56 -7.34 -2.38
N ALA A 341 -18.49 -7.51 -1.62
CA ALA A 341 -18.46 -8.49 -0.53
C ALA A 341 -19.26 -8.01 0.68
N GLY A 342 -19.72 -6.77 0.63
CA GLY A 342 -20.52 -6.22 1.71
C GLY A 342 -19.70 -5.90 2.95
N ALA A 343 -18.38 -5.83 2.78
CA ALA A 343 -17.49 -5.51 3.88
C ALA A 343 -17.52 -4.02 4.17
N GLY A 344 -18.10 -3.25 3.25
CA GLY A 344 -18.19 -1.82 3.40
C GLY A 344 -18.99 -1.14 2.29
N VAL A 345 -19.09 0.18 2.37
CA VAL A 345 -19.85 0.93 1.38
C VAL A 345 -18.96 1.86 0.56
N GLU A 346 -18.88 1.57 -0.74
CA GLU A 346 -18.15 2.43 -1.66
C GLU A 346 -19.01 3.63 -2.06
N VAL A 347 -18.54 4.83 -1.72
CA VAL A 347 -19.23 6.05 -2.09
C VAL A 347 -18.42 6.84 -3.10
N PRO A 348 -18.71 6.66 -4.40
CA PRO A 348 -18.00 7.32 -5.49
C PRO A 348 -18.19 8.84 -5.46
N SER A 356 -24.21 11.72 2.51
CA SER A 356 -23.93 10.75 1.46
C SER A 356 -22.88 9.74 1.93
N VAL A 357 -21.79 10.23 2.53
CA VAL A 357 -20.88 9.37 3.26
C VAL A 357 -21.35 9.35 4.71
N LEU A 358 -22.10 10.38 5.09
CA LEU A 358 -22.80 10.41 6.35
C LEU A 358 -23.91 9.38 6.32
N ALA A 359 -24.49 9.17 5.15
CA ALA A 359 -25.56 8.19 4.98
C ALA A 359 -25.00 6.77 4.98
N ALA A 360 -23.80 6.61 4.42
CA ALA A 360 -23.16 5.31 4.33
C ALA A 360 -22.79 4.77 5.71
N CYS A 361 -22.49 5.68 6.63
CA CYS A 361 -22.10 5.29 7.99
C CYS A 361 -23.30 4.80 8.80
N ALA A 362 -24.38 5.58 8.78
CA ALA A 362 -25.61 5.22 9.47
C ALA A 362 -26.17 3.92 8.89
N ARG A 363 -25.89 3.69 7.62
CA ARG A 363 -26.29 2.47 6.94
C ARG A 363 -25.51 1.29 7.50
N ILE A 364 -24.28 1.55 7.94
CA ILE A 364 -23.45 0.53 8.56
C ILE A 364 -23.71 0.51 10.07
N ARG A 365 -24.01 1.67 10.63
CA ARG A 365 -24.29 1.80 12.06
C ARG A 365 -25.55 1.03 12.44
N ASP A 366 -26.45 0.84 11.49
CA ASP A 366 -27.72 0.17 11.76
C ASP A 366 -27.75 -1.26 11.22
N ASP A 367 -27.26 -1.47 10.01
CA ASP A 367 -27.20 -2.80 9.42
C ASP A 367 -25.93 -3.52 9.86
N SER A 368 -26.08 -4.77 10.29
CA SER A 368 -24.97 -5.51 10.88
C SER A 368 -24.27 -6.45 9.91
N SER A 369 -24.79 -6.54 8.69
CA SER A 369 -24.20 -7.42 7.67
C SER A 369 -22.82 -6.95 7.25
N TYR A 370 -22.55 -5.67 7.43
CA TYR A 370 -21.25 -5.10 7.08
C TYR A 370 -20.15 -5.56 8.01
N VAL A 371 -20.45 -5.59 9.30
CA VAL A 371 -19.49 -6.07 10.29
C VAL A 371 -19.22 -7.55 10.11
N GLY A 372 -20.29 -8.30 9.79
CA GLY A 372 -20.19 -9.73 9.61
C GLY A 372 -19.26 -10.13 8.49
N ASN A 373 -19.42 -9.50 7.34
CA ASN A 373 -18.56 -9.79 6.20
C ASN A 373 -17.12 -9.36 6.47
N ALA A 374 -16.95 -8.19 7.06
CA ALA A 374 -15.62 -7.67 7.40
C ALA A 374 -14.86 -8.65 8.29
N ARG A 375 -15.56 -9.24 9.25
CA ARG A 375 -14.96 -10.21 10.15
C ARG A 375 -14.74 -11.55 9.47
N ARG A 376 -15.62 -11.90 8.54
CA ARG A 376 -15.50 -13.15 7.79
C ARG A 376 -14.25 -13.12 6.92
N LEU A 377 -13.96 -11.95 6.36
CA LEU A 377 -12.82 -11.79 5.47
C LEU A 377 -11.52 -11.69 6.27
N ALA A 378 -11.59 -11.06 7.43
CA ALA A 378 -10.45 -11.00 8.34
C ALA A 378 -10.08 -12.40 8.80
N ALA A 379 -11.10 -13.20 9.06
CA ALA A 379 -10.92 -14.59 9.47
C ALA A 379 -10.31 -15.40 8.33
N GLU A 380 -10.70 -15.06 7.11
CA GLU A 380 -10.20 -15.76 5.92
C GLU A 380 -8.74 -15.43 5.66
N MSE A 381 -8.36 -14.17 5.84
CA MSE A 381 -6.98 -13.74 5.66
C MSE A 381 -6.05 -14.40 6.66
O MSE A 381 -4.89 -14.67 6.35
CB MSE A 381 -6.87 -12.22 5.74
CG MSE A 381 -7.05 -11.51 4.40
SE MSE A 381 -7.12 -9.58 4.58
CE MSE A 381 -8.86 -9.43 5.44
N ALA A 382 -6.56 -14.63 7.87
CA ALA A 382 -5.77 -15.24 8.93
C ALA A 382 -5.35 -16.67 8.59
N THR A 383 -6.12 -17.31 7.70
CA THR A 383 -5.82 -18.67 7.28
C THR A 383 -4.66 -18.71 6.29
N LEU A 384 -4.52 -17.63 5.54
CA LEU A 384 -3.49 -17.53 4.51
C LEU A 384 -2.09 -17.61 5.10
N PRO A 385 -1.11 -18.08 4.31
CA PRO A 385 0.29 -18.16 4.75
C PRO A 385 0.82 -16.82 5.23
N THR A 386 1.63 -16.85 6.28
CA THR A 386 2.22 -15.63 6.84
C THR A 386 3.43 -15.23 6.01
N PRO A 387 3.88 -13.97 6.15
CA PRO A 387 5.14 -13.56 5.53
C PRO A 387 6.30 -14.47 5.98
N ALA A 388 6.20 -15.00 7.19
CA ALA A 388 7.18 -15.95 7.70
C ALA A 388 7.13 -17.25 6.90
N ASP A 389 5.91 -17.69 6.57
CA ASP A 389 5.73 -18.89 5.77
C ASP A 389 6.30 -18.70 4.37
N ILE A 390 6.14 -17.49 3.84
CA ILE A 390 6.59 -17.17 2.49
C ILE A 390 8.12 -17.14 2.39
N VAL A 391 8.76 -16.67 3.45
CA VAL A 391 10.23 -16.63 3.51
C VAL A 391 10.81 -18.03 3.28
N ARG A 392 10.20 -19.03 3.91
CA ARG A 392 10.62 -20.42 3.74
C ARG A 392 10.48 -20.86 2.28
N LEU A 393 9.36 -20.52 1.67
CA LEU A 393 9.11 -20.81 0.26
C LEU A 393 10.20 -20.20 -0.61
N ILE A 394 10.55 -18.96 -0.31
CA ILE A 394 11.60 -18.25 -1.03
C ILE A 394 12.95 -18.94 -0.84
N GLU A 395 13.23 -19.36 0.40
CA GLU A 395 14.46 -20.07 0.72
C GLU A 395 14.49 -21.44 0.07
N GLN A 396 13.33 -22.07 -0.04
CA GLN A 396 13.22 -23.45 -0.48
C GLN A 396 13.23 -23.59 -2.00
N ALA A 397 12.88 -22.52 -2.70
CA ALA A 397 12.86 -22.54 -4.15
C ALA A 397 13.12 -21.17 -4.75
PA TYD B . -2.63 4.13 1.77
O1A TYD B . -3.73 3.46 2.56
O2A TYD B . -2.26 3.29 0.58
O3A TYD B . -3.12 5.55 1.33
PB TYD B . -2.17 6.52 0.56
O1B TYD B . -1.21 5.72 -0.30
O2B TYD B . -3.01 7.41 -0.32
O3B TYD B . -1.39 7.35 1.55
O5' TYD B . -1.37 4.32 2.68
C5' TYD B . -1.49 4.96 3.89
C4' TYD B . -0.68 4.22 4.91
O4' TYD B . -0.31 5.08 5.93
C3' TYD B . -1.52 3.14 5.53
O3' TYD B . -0.72 2.06 5.84
C2' TYD B . -2.15 3.72 6.75
C1' TYD B . -1.03 4.75 7.17
N1 TYD B . -1.45 5.90 8.10
C2 TYD B . -1.82 5.68 9.49
O2 TYD B . -1.82 4.56 9.95
N3 TYD B . -2.20 6.75 10.33
C4 TYD B . -2.22 8.06 9.83
O4 TYD B . -2.54 9.00 10.56
C5 TYD B . -1.82 8.30 8.41
C5M TYD B . -1.84 9.69 7.88
C6 TYD B . -1.45 7.26 7.59
#